data_3I68
#
_entry.id   3I68
#
_cell.length_a   85.917
_cell.length_b   85.917
_cell.length_c   138.697
_cell.angle_alpha   90.00
_cell.angle_beta   90.00
_cell.angle_gamma   120.00
#
_symmetry.space_group_name_H-M   'P 64'
#
loop_
_entity.id
_entity.type
_entity.pdbx_description
1 polymer 'Dihydroorotate dehydrogenase homolog, mitochondrial'
2 non-polymer N-anthracen-2-yl-5-methyl[1,2,4]triazolo[1,5-a]pyrimidin-7-amine
3 non-polymer 'FLAVIN MONONUCLEOTIDE'
4 non-polymer 'OROTIC ACID'
5 water water
#
_entity_poly.entity_id   1
_entity_poly.type   'polypeptide(L)'
_entity_poly.pdbx_seq_one_letter_code
;MGSSHHHHHHSSGLVPRGSHMASMTGGQQGRDPFESYNPEFFLYDIFLKFCLKYIDGEICHDLFLLLGKYNILPYDTSND
SIYACTNIKHLDFINPFGVAAGFDKNGVCIDSILKLGFSFIEIGTITPRGQTGNAKPRIFRDVESRSIINSCGFNNMGCD
KVTENLILFRKRQEEDKLLSKHIVGVSIGKNKDTVNIVDDLKYCINKIGRYADYIAINVSSPNTPGLRDNQEAGKLKNII
LSVKEEIDNLEKNNIMNDEFLWFNTTKKKPLVFVKLAPDLNQEQKKEIADVLLETNIDGMIISNTTTQINDIKSFENKKG
GVSGAKLKDISTKFICEMYNYTNKQIPIIASGGIFSGLDALEKIEAGASVCQLYSCLVFNGMKSAVQIKRELNHLLYQRG
YYNLKEAIGRKHSKS
;
_entity_poly.pdbx_strand_id   A
#
loop_
_chem_comp.id
_chem_comp.type
_chem_comp.name
_chem_comp.formula
FMN non-polymer 'FLAVIN MONONUCLEOTIDE' 'C17 H21 N4 O9 P'
J4Z non-polymer N-anthracen-2-yl-5-methyl[1,2,4]triazolo[1,5-a]pyrimidin-7-amine 'C20 H15 N5'
ORO non-polymer 'OROTIC ACID' 'C5 H4 N2 O4'
#
# COMPACT_ATOMS: atom_id res chain seq x y z
N GLU A 35 -9.81 3.56 20.38
CA GLU A 35 -9.30 4.30 21.50
C GLU A 35 -9.07 5.76 21.14
N SER A 36 -8.45 6.45 22.08
CA SER A 36 -8.08 7.89 22.06
C SER A 36 -9.03 8.90 22.73
N TYR A 37 -8.49 10.08 23.05
CA TYR A 37 -7.05 10.33 23.00
C TYR A 37 -6.41 9.53 24.12
N ASN A 38 -5.20 9.06 23.91
CA ASN A 38 -4.57 8.25 24.92
C ASN A 38 -3.21 8.70 25.38
N PRO A 39 -2.95 8.38 26.61
CA PRO A 39 -1.62 8.47 27.16
C PRO A 39 -0.83 7.39 26.42
N GLU A 40 -1.42 6.23 26.15
CA GLU A 40 -0.77 5.17 25.39
C GLU A 40 -0.23 5.69 24.08
N PHE A 41 -1.03 6.40 23.33
CA PHE A 41 -0.60 6.98 22.08
C PHE A 41 0.49 8.01 22.29
N PHE A 42 0.32 8.81 23.31
CA PHE A 42 1.20 9.91 23.61
C PHE A 42 2.55 9.45 24.08
N LEU A 43 2.56 8.48 24.97
CA LEU A 43 3.80 7.85 25.38
C LEU A 43 4.66 7.41 24.20
N TYR A 44 4.08 6.64 23.27
CA TYR A 44 4.81 6.13 22.10
C TYR A 44 5.23 7.20 21.10
N ASP A 45 4.45 8.26 21.01
CA ASP A 45 4.78 9.36 20.11
C ASP A 45 5.96 10.23 20.59
N ILE A 46 6.16 10.31 21.91
CA ILE A 46 7.40 10.89 22.49
C ILE A 46 8.58 10.00 22.13
N PHE A 47 8.45 8.71 22.42
CA PHE A 47 9.47 7.72 22.12
C PHE A 47 9.88 7.70 20.65
N LEU A 48 8.89 7.85 19.77
CA LEU A 48 9.11 7.84 18.33
C LEU A 48 9.83 9.09 17.85
N LYS A 49 9.44 10.25 18.40
CA LYS A 49 10.12 11.52 18.12
C LYS A 49 11.58 11.52 18.59
N PHE A 50 11.85 10.84 19.71
CA PHE A 50 13.21 10.60 20.19
C PHE A 50 13.99 9.75 19.20
N CYS A 51 13.40 8.64 18.77
CA CYS A 51 14.03 7.75 17.79
C CYS A 51 14.31 8.47 16.47
N LEU A 52 13.43 9.34 16.08
CA LEU A 52 13.61 10.08 14.89
C LEU A 52 14.84 10.98 14.93
N LYS A 53 15.06 11.62 16.06
CA LYS A 53 16.16 12.57 16.21
C LYS A 53 17.51 11.86 16.21
N TYR A 54 17.60 10.76 16.97
CA TYR A 54 18.86 10.11 17.26
C TYR A 54 19.19 8.88 16.44
N ILE A 55 18.18 8.09 16.09
CA ILE A 55 18.40 6.74 15.56
C ILE A 55 18.15 6.61 14.06
N ASP A 56 18.98 5.77 13.44
CA ASP A 56 18.80 5.31 12.07
C ASP A 56 17.34 4.90 11.78
N GLY A 57 16.81 5.39 10.65
CA GLY A 57 15.46 5.11 10.18
C GLY A 57 15.11 3.64 10.13
N GLU A 58 15.90 2.85 9.40
CA GLU A 58 15.65 1.41 9.32
C GLU A 58 15.72 0.72 10.68
N ILE A 59 16.64 1.12 11.54
CA ILE A 59 16.67 0.58 12.90
C ILE A 59 15.37 0.93 13.65
N CYS A 60 14.91 2.17 13.53
CA CYS A 60 13.68 2.60 14.19
C CYS A 60 12.48 1.78 13.71
N HIS A 61 12.36 1.68 12.38
CA HIS A 61 11.27 0.92 11.77
C HIS A 61 11.24 -0.48 12.37
N ASP A 62 12.39 -1.16 12.33
CA ASP A 62 12.49 -2.53 12.80
C ASP A 62 12.15 -2.69 14.26
N LEU A 63 12.53 -1.71 15.06
CA LEU A 63 12.22 -1.73 16.48
C LEU A 63 10.71 -1.64 16.71
N PHE A 64 10.06 -0.73 15.99
CA PHE A 64 8.63 -0.59 16.10
C PHE A 64 7.86 -1.80 15.53
N LEU A 65 8.39 -2.42 14.47
CA LEU A 65 7.81 -3.68 13.97
C LEU A 65 7.89 -4.73 15.05
N LEU A 66 8.99 -4.71 15.80
CA LEU A 66 9.23 -5.64 16.88
C LEU A 66 8.32 -5.40 18.09
N LEU A 67 8.11 -4.14 18.44
CA LEU A 67 7.11 -3.79 19.45
C LEU A 67 5.70 -4.22 19.03
N GLY A 68 5.42 -4.09 17.74
CA GLY A 68 4.12 -4.48 17.20
C GLY A 68 3.92 -5.98 17.26
N LYS A 69 4.99 -6.73 16.96
CA LYS A 69 4.96 -8.19 17.02
C LYS A 69 4.70 -8.71 18.44
N TYR A 70 5.18 -8.00 19.44
CA TYR A 70 4.94 -8.38 20.82
C TYR A 70 3.68 -7.74 21.41
N ASN A 71 2.96 -7.02 20.56
CA ASN A 71 1.62 -6.50 20.87
C ASN A 71 1.56 -5.54 22.07
N ILE A 72 2.52 -4.63 22.17
CA ILE A 72 2.55 -3.63 23.26
C ILE A 72 2.21 -2.23 22.76
N LEU A 73 1.76 -2.14 21.53
CA LEU A 73 1.39 -0.85 20.93
C LEU A 73 -0.12 -0.58 21.08
N PRO A 74 -0.55 0.71 20.94
CA PRO A 74 -1.96 1.11 21.17
C PRO A 74 -2.93 0.61 20.11
N TYR A 75 -4.20 0.45 20.51
CA TYR A 75 -5.31 0.12 19.63
C TYR A 75 -6.23 1.31 19.43
N ASP A 76 -6.79 1.42 18.23
CA ASP A 76 -7.94 2.29 17.99
C ASP A 76 -9.17 1.40 17.98
N THR A 77 -9.91 1.40 19.10
CA THR A 77 -11.07 0.54 19.23
C THR A 77 -12.37 1.27 18.85
N SER A 78 -12.25 2.45 18.24
CA SER A 78 -13.42 3.27 17.93
C SER A 78 -14.18 2.74 16.73
N ASN A 79 -15.47 3.04 16.67
CA ASN A 79 -16.28 2.75 15.49
C ASN A 79 -15.93 3.73 14.38
N ASP A 80 -15.76 3.22 13.17
CA ASP A 80 -15.56 4.12 12.04
C ASP A 80 -16.90 4.61 11.53
N SER A 81 -16.91 5.85 11.05
CA SER A 81 -18.10 6.50 10.53
C SER A 81 -18.68 5.69 9.37
N ILE A 82 -19.96 5.37 9.45
CA ILE A 82 -20.64 4.68 8.33
C ILE A 82 -20.69 5.53 7.05
N TYR A 83 -20.31 6.81 7.16
CA TYR A 83 -20.30 7.70 5.99
C TYR A 83 -18.94 7.79 5.29
N ALA A 84 -17.92 7.14 5.85
CA ALA A 84 -16.58 7.13 5.25
C ALA A 84 -16.18 5.73 4.80
N CYS A 85 -17.14 4.82 4.80
CA CYS A 85 -17.00 3.52 4.15
C CYS A 85 -16.66 3.74 2.70
N THR A 86 -15.95 2.79 2.12
CA THR A 86 -15.65 2.82 0.70
C THR A 86 -15.45 1.42 0.16
N ASN A 87 -15.34 1.29 -1.15
CA ASN A 87 -15.20 -0.01 -1.76
C ASN A 87 -14.45 0.03 -3.08
N ILE A 88 -13.92 -1.10 -3.46
CA ILE A 88 -13.36 -1.26 -4.76
C ILE A 88 -13.97 -2.51 -5.33
N LYS A 89 -14.86 -2.35 -6.28
CA LYS A 89 -15.60 -3.47 -6.77
C LYS A 89 -16.26 -4.08 -5.56
N HIS A 90 -16.13 -5.37 -5.36
CA HIS A 90 -16.82 -5.99 -4.25
C HIS A 90 -15.95 -6.11 -3.02
N LEU A 91 -14.83 -5.41 -3.03
CA LEU A 91 -13.94 -5.35 -1.88
C LEU A 91 -14.34 -4.15 -1.00
N ASP A 92 -14.74 -4.43 0.23
CA ASP A 92 -15.34 -3.41 1.09
C ASP A 92 -14.43 -2.97 2.23
N PHE A 93 -14.21 -1.66 2.33
CA PHE A 93 -13.33 -1.08 3.33
C PHE A 93 -14.14 -0.38 4.42
N ILE A 94 -13.92 -0.77 5.67
CA ILE A 94 -14.59 -0.15 6.82
C ILE A 94 -14.25 1.34 6.95
N ASN A 95 -13.07 1.74 6.47
CA ASN A 95 -12.68 3.14 6.44
C ASN A 95 -11.72 3.33 5.25
N PRO A 96 -11.47 4.58 4.84
CA PRO A 96 -10.67 4.77 3.63
C PRO A 96 -9.15 4.77 3.79
N PHE A 97 -8.63 4.29 4.94
CA PHE A 97 -7.19 4.35 5.19
C PHE A 97 -6.49 3.02 5.41
N GLY A 98 -5.47 2.78 4.58
CA GLY A 98 -4.63 1.61 4.71
C GLY A 98 -3.17 1.95 4.84
N VAL A 99 -2.36 0.94 5.13
CA VAL A 99 -0.89 1.10 5.13
C VAL A 99 -0.30 0.59 3.81
N ALA A 100 0.53 1.44 3.17
CA ALA A 100 1.16 1.09 1.89
C ALA A 100 2.16 -0.07 1.98
N ALA A 101 2.53 -0.59 0.81
CA ALA A 101 3.51 -1.69 0.72
C ALA A 101 4.90 -1.17 1.16
N GLY A 102 5.79 -2.07 1.54
CA GLY A 102 7.10 -1.70 2.05
C GLY A 102 7.17 -1.43 3.55
N PHE A 103 6.04 -1.20 4.21
CA PHE A 103 6.02 -1.03 5.65
C PHE A 103 6.24 -2.31 6.41
N ASP A 104 5.53 -3.35 6.02
CA ASP A 104 5.66 -4.63 6.65
C ASP A 104 5.87 -5.59 5.52
N LYS A 105 7.08 -5.60 5.03
CA LYS A 105 7.45 -6.38 3.88
C LYS A 105 7.24 -7.85 4.11
N ASN A 106 7.47 -8.30 5.32
CA ASN A 106 7.37 -9.73 5.62
C ASN A 106 6.14 -10.19 6.41
N GLY A 107 5.17 -9.30 6.57
CA GLY A 107 3.95 -9.65 7.31
C GLY A 107 4.18 -10.13 8.73
N VAL A 108 5.12 -9.52 9.44
CA VAL A 108 5.42 -9.94 10.80
C VAL A 108 4.62 -9.20 11.83
N CYS A 109 4.10 -8.07 11.43
CA CYS A 109 3.42 -7.17 12.31
C CYS A 109 1.99 -6.80 11.95
N ILE A 110 1.28 -7.60 11.19
CA ILE A 110 0.02 -7.19 10.61
C ILE A 110 -1.10 -6.82 11.56
N ASP A 111 -1.32 -7.60 12.57
CA ASP A 111 -2.38 -7.33 13.55
C ASP A 111 -2.20 -5.95 14.18
N SER A 112 -1.01 -5.68 14.70
CA SER A 112 -0.75 -4.43 15.42
C SER A 112 -0.87 -3.20 14.56
N ILE A 113 -0.40 -3.27 13.32
CA ILE A 113 -0.58 -2.17 12.39
C ILE A 113 -2.08 -1.95 12.09
N LEU A 114 -2.81 -3.04 11.85
CA LEU A 114 -4.24 -2.92 11.57
C LEU A 114 -4.98 -2.28 12.72
N LYS A 115 -4.69 -2.79 13.92
CA LYS A 115 -5.33 -2.32 15.12
C LYS A 115 -5.04 -0.85 15.52
N LEU A 116 -4.13 -0.19 14.82
CA LEU A 116 -3.95 1.26 14.95
C LEU A 116 -5.10 2.08 14.38
N GLY A 117 -6.01 1.43 13.67
CA GLY A 117 -7.17 2.11 13.11
C GLY A 117 -7.22 2.13 11.60
N PHE A 118 -6.39 1.31 10.96
CA PHE A 118 -6.39 1.16 9.49
C PHE A 118 -7.36 0.06 9.08
N SER A 119 -8.00 0.24 7.93
CA SER A 119 -8.92 -0.76 7.37
C SER A 119 -8.20 -1.86 6.59
N PHE A 120 -7.02 -1.54 6.05
CA PHE A 120 -6.22 -2.52 5.31
C PHE A 120 -4.72 -2.27 5.34
N ILE A 121 -3.97 -3.30 4.96
CA ILE A 121 -2.52 -3.20 4.81
C ILE A 121 -2.12 -3.95 3.55
N GLU A 122 -1.21 -3.38 2.78
CA GLU A 122 -0.58 -4.08 1.66
C GLU A 122 0.82 -4.57 2.11
N ILE A 123 0.96 -5.87 2.39
CA ILE A 123 2.27 -6.43 2.75
C ILE A 123 3.19 -6.63 1.53
N GLY A 124 4.45 -6.95 1.79
CA GLY A 124 5.44 -6.97 0.73
C GLY A 124 6.05 -5.59 0.50
N THR A 125 6.74 -5.37 -0.63
CA THR A 125 6.76 -6.32 -1.75
C THR A 125 7.54 -7.60 -1.46
N ILE A 126 6.95 -8.74 -1.83
CA ILE A 126 7.65 -10.01 -1.71
C ILE A 126 8.16 -10.51 -3.07
N THR A 127 9.12 -11.44 -2.99
CA THR A 127 9.71 -12.06 -4.16
C THR A 127 9.75 -13.57 -3.90
N PRO A 128 9.83 -14.41 -4.96
CA PRO A 128 9.83 -15.87 -4.76
C PRO A 128 10.82 -16.35 -3.72
N ARG A 129 12.04 -15.82 -3.75
CA ARG A 129 12.97 -16.12 -2.68
C ARG A 129 13.49 -14.87 -1.95
N GLY A 130 14.02 -15.10 -0.75
CA GLY A 130 14.55 -14.05 0.09
C GLY A 130 15.65 -13.27 -0.62
N GLN A 131 15.73 -11.99 -0.28
CA GLN A 131 16.75 -11.07 -0.78
C GLN A 131 17.15 -10.15 0.35
N THR A 132 18.43 -9.84 0.42
CA THR A 132 18.94 -8.94 1.44
C THR A 132 18.62 -7.47 1.06
N GLY A 133 18.47 -7.21 -0.23
CA GLY A 133 18.31 -5.84 -0.71
C GLY A 133 19.66 -5.14 -0.84
N ASN A 134 19.63 -3.84 -1.12
CA ASN A 134 20.83 -3.04 -1.28
C ASN A 134 21.59 -2.73 0.03
N ALA A 135 22.80 -2.18 -0.10
CA ALA A 135 23.66 -1.84 1.03
C ALA A 135 23.05 -0.84 2.01
N LYS A 136 23.13 -1.14 3.29
CA LYS A 136 22.73 -0.24 4.37
C LYS A 136 23.81 0.82 4.67
N PRO A 137 23.42 2.02 5.12
CA PRO A 137 22.03 2.51 5.31
C PRO A 137 21.37 2.82 3.96
N ARG A 138 20.04 2.67 3.90
CA ARG A 138 19.32 2.79 2.62
C ARG A 138 17.95 3.46 2.75
N ILE A 139 17.67 4.02 3.93
CA ILE A 139 16.50 4.85 4.17
C ILE A 139 16.97 6.09 4.93
N PHE A 140 16.70 7.26 4.36
CA PHE A 140 17.02 8.55 5.00
C PHE A 140 15.79 9.45 5.03
N ARG A 141 15.59 10.13 6.16
CA ARG A 141 14.48 11.07 6.35
C ARG A 141 14.92 12.52 6.34
N ASP A 142 14.03 13.41 5.91
CA ASP A 142 14.24 14.83 6.02
C ASP A 142 13.04 15.43 6.75
N VAL A 143 13.18 15.61 8.05
CA VAL A 143 12.08 16.08 8.92
C VAL A 143 11.39 17.35 8.42
N GLU A 144 12.14 18.33 7.94
CA GLU A 144 11.54 19.62 7.63
C GLU A 144 10.67 19.62 6.39
N SER A 145 11.09 18.89 5.38
CA SER A 145 10.24 18.69 4.21
C SER A 145 9.27 17.52 4.40
N ARG A 146 9.39 16.81 5.54
CA ARG A 146 8.61 15.60 5.85
C ARG A 146 8.67 14.60 4.68
N SER A 147 9.90 14.32 4.25
CA SER A 147 10.17 13.44 3.13
C SER A 147 11.13 12.33 3.50
N ILE A 148 11.12 11.28 2.68
CA ILE A 148 11.96 10.11 2.85
C ILE A 148 12.58 9.77 1.49
N ILE A 149 13.81 9.28 1.49
CA ILE A 149 14.37 8.66 0.29
C ILE A 149 14.82 7.26 0.69
N ASN A 150 14.60 6.28 -0.18
CA ASN A 150 15.02 4.92 0.11
C ASN A 150 15.54 4.21 -1.12
N SER A 151 16.44 3.26 -0.90
CA SER A 151 16.94 2.37 -1.95
C SER A 151 17.04 0.98 -1.34
N CYS A 152 15.91 0.49 -0.82
CA CYS A 152 15.88 -0.78 -0.12
C CYS A 152 16.23 -1.95 -1.04
N GLY A 153 15.68 -1.95 -2.25
CA GLY A 153 15.91 -3.01 -3.25
C GLY A 153 15.25 -4.36 -2.97
N PHE A 154 13.97 -4.34 -2.60
CA PHE A 154 13.18 -5.56 -2.33
C PHE A 154 13.81 -6.54 -1.35
N ASN A 155 14.31 -6.03 -0.25
CA ASN A 155 14.68 -6.88 0.86
C ASN A 155 13.41 -7.54 1.40
N ASN A 156 13.36 -8.87 1.39
CA ASN A 156 12.25 -9.59 2.02
C ASN A 156 12.65 -11.03 2.29
N MET A 157 11.91 -11.70 3.17
CA MET A 157 12.19 -13.08 3.56
C MET A 157 11.78 -14.11 2.51
N GLY A 158 11.19 -13.63 1.41
CA GLY A 158 10.77 -14.52 0.35
C GLY A 158 9.39 -15.11 0.55
N CYS A 159 8.79 -15.53 -0.55
CA CYS A 159 7.39 -15.94 -0.61
C CYS A 159 6.98 -16.99 0.43
N ASP A 160 7.77 -18.05 0.57
CA ASP A 160 7.42 -19.17 1.45
C ASP A 160 7.28 -18.78 2.94
N LYS A 161 8.23 -18.00 3.44
CA LYS A 161 8.21 -17.58 4.84
C LYS A 161 7.09 -16.58 5.10
N VAL A 162 6.96 -15.58 4.23
CA VAL A 162 5.90 -14.58 4.33
C VAL A 162 4.48 -15.19 4.24
N THR A 163 4.34 -16.21 3.38
CA THR A 163 3.09 -16.96 3.25
C THR A 163 2.77 -17.61 4.60
N GLU A 164 3.76 -18.25 5.19
CA GLU A 164 3.60 -18.83 6.51
C GLU A 164 3.19 -17.76 7.55
N ASN A 165 3.80 -16.56 7.48
CA ASN A 165 3.41 -15.44 8.35
C ASN A 165 1.97 -14.98 8.12
N LEU A 166 1.58 -14.85 6.86
CA LEU A 166 0.19 -14.50 6.52
C LEU A 166 -0.83 -15.55 6.96
N ILE A 167 -0.45 -16.82 6.88
CA ILE A 167 -1.31 -17.91 7.33
C ILE A 167 -1.57 -17.77 8.84
N LEU A 168 -0.50 -17.57 9.61
CA LEU A 168 -0.65 -17.38 11.06
C LEU A 168 -1.51 -16.14 11.38
N PHE A 169 -1.29 -15.03 10.67
CA PHE A 169 -2.22 -13.91 10.77
C PHE A 169 -3.69 -14.34 10.53
N ARG A 170 -3.98 -15.02 9.41
CA ARG A 170 -5.35 -15.42 9.10
C ARG A 170 -5.99 -16.26 10.22
N LYS A 171 -5.20 -17.14 10.81
CA LYS A 171 -5.67 -17.91 11.96
C LYS A 171 -5.98 -17.00 13.15
N ARG A 172 -5.08 -16.07 13.45
CA ARG A 172 -5.28 -15.13 14.54
C ARG A 172 -6.55 -14.30 14.27
N GLN A 173 -6.75 -13.93 13.01
CA GLN A 173 -7.87 -13.09 12.62
C GLN A 173 -9.24 -13.71 12.92
N GLU A 174 -9.31 -15.05 12.84
CA GLU A 174 -10.53 -15.79 13.13
C GLU A 174 -10.96 -15.65 14.59
N GLU A 175 -9.98 -15.41 15.46
CA GLU A 175 -10.23 -15.36 16.90
C GLU A 175 -10.07 -13.96 17.51
N ASP A 176 -9.74 -12.97 16.67
CA ASP A 176 -9.51 -11.61 17.13
C ASP A 176 -10.56 -10.67 16.57
N LYS A 177 -11.45 -10.21 17.46
CA LYS A 177 -12.57 -9.32 17.16
C LYS A 177 -12.21 -7.99 16.47
N LEU A 178 -11.05 -7.44 16.82
CA LEU A 178 -10.60 -6.19 16.20
C LEU A 178 -10.07 -6.35 14.76
N LEU A 179 -9.93 -7.59 14.29
CA LEU A 179 -9.36 -7.87 12.96
C LEU A 179 -10.42 -8.27 11.92
N SER A 180 -11.64 -8.44 12.40
CA SER A 180 -12.77 -8.78 11.54
C SER A 180 -13.00 -7.71 10.46
N LYS A 181 -13.23 -8.15 9.23
CA LYS A 181 -13.45 -7.28 8.06
C LYS A 181 -12.26 -6.41 7.64
N HIS A 182 -11.09 -6.70 8.22
CA HIS A 182 -9.90 -5.95 7.86
C HIS A 182 -9.26 -6.65 6.68
N ILE A 183 -8.79 -5.85 5.72
CA ILE A 183 -8.27 -6.34 4.45
C ILE A 183 -6.72 -6.45 4.43
N VAL A 184 -6.21 -7.61 4.00
CA VAL A 184 -4.78 -7.76 3.68
C VAL A 184 -4.56 -8.00 2.17
N GLY A 185 -3.92 -7.03 1.52
CA GLY A 185 -3.40 -7.21 0.16
C GLY A 185 -1.93 -7.63 0.19
N VAL A 186 -1.46 -8.28 -0.89
CA VAL A 186 -0.06 -8.69 -1.03
C VAL A 186 0.55 -8.07 -2.28
N SER A 187 1.63 -7.30 -2.10
CA SER A 187 2.41 -6.76 -3.21
C SER A 187 3.44 -7.79 -3.64
N ILE A 188 3.48 -8.08 -4.93
CA ILE A 188 4.39 -9.09 -5.47
C ILE A 188 5.30 -8.48 -6.56
N GLY A 189 6.56 -8.94 -6.58
CA GLY A 189 7.55 -8.45 -7.54
C GLY A 189 8.48 -9.56 -7.98
N LYS A 190 9.63 -9.17 -8.56
CA LYS A 190 10.63 -10.12 -9.04
C LYS A 190 11.95 -10.04 -8.26
N ASN A 191 12.69 -11.15 -8.27
CA ASN A 191 14.05 -11.12 -7.73
C ASN A 191 15.00 -10.24 -8.57
N LYS A 192 16.06 -9.77 -7.93
CA LYS A 192 16.99 -8.83 -8.53
C LYS A 192 17.68 -9.39 -9.74
N ASP A 193 18.10 -10.63 -9.66
CA ASP A 193 18.72 -11.31 -10.78
C ASP A 193 17.76 -12.08 -11.66
N THR A 194 16.48 -12.03 -11.35
CA THR A 194 15.53 -12.86 -12.04
C THR A 194 15.42 -12.63 -13.50
N VAL A 195 15.28 -13.74 -14.19
CA VAL A 195 15.16 -13.73 -15.60
C VAL A 195 13.90 -13.15 -16.17
N ASN A 196 12.79 -13.79 -15.84
CA ASN A 196 11.52 -13.35 -16.35
C ASN A 196 10.63 -12.97 -15.22
N ILE A 197 10.09 -11.77 -15.28
CA ILE A 197 9.30 -11.27 -14.20
C ILE A 197 8.06 -12.11 -13.99
N VAL A 198 7.46 -12.54 -15.07
CA VAL A 198 6.24 -13.31 -14.99
C VAL A 198 6.44 -14.62 -14.28
N ASP A 199 7.55 -15.27 -14.49
CA ASP A 199 7.74 -16.54 -13.85
C ASP A 199 7.64 -16.30 -12.36
N ASP A 200 8.20 -15.19 -11.90
CA ASP A 200 8.15 -14.85 -10.49
C ASP A 200 6.76 -14.53 -9.94
N LEU A 201 5.96 -13.81 -10.68
CA LEU A 201 4.65 -13.44 -10.19
C LEU A 201 3.76 -14.63 -10.01
N LYS A 202 3.83 -15.53 -10.96
CA LYS A 202 3.06 -16.78 -10.93
C LYS A 202 3.42 -17.63 -9.71
N TYR A 203 4.71 -17.72 -9.41
CA TYR A 203 5.15 -18.51 -8.25
C TYR A 203 4.55 -17.95 -6.96
N CYS A 204 4.61 -16.63 -6.81
CA CYS A 204 4.04 -15.92 -5.65
C CYS A 204 2.53 -16.15 -5.53
N ILE A 205 1.82 -15.97 -6.63
CA ILE A 205 0.38 -16.22 -6.70
C ILE A 205 -0.01 -17.62 -6.21
N ASN A 206 0.70 -18.63 -6.68
CA ASN A 206 0.42 -20.02 -6.32
C ASN A 206 0.68 -20.30 -4.86
N LYS A 207 1.63 -19.58 -4.28
CA LYS A 207 1.96 -19.78 -2.88
C LYS A 207 1.04 -19.02 -1.92
N ILE A 208 0.81 -17.74 -2.21
CA ILE A 208 0.19 -16.84 -1.21
C ILE A 208 -1.22 -16.37 -1.59
N GLY A 209 -1.60 -16.56 -2.86
CA GLY A 209 -2.88 -16.07 -3.41
C GLY A 209 -4.13 -16.40 -2.59
N ARG A 210 -4.14 -17.58 -1.99
CA ARG A 210 -5.31 -18.05 -1.25
C ARG A 210 -5.58 -17.24 0.04
N TYR A 211 -4.54 -16.53 0.50
CA TYR A 211 -4.55 -15.82 1.77
C TYR A 211 -4.66 -14.31 1.58
N ALA A 212 -4.70 -13.89 0.31
CA ALA A 212 -4.76 -12.48 -0.04
C ALA A 212 -6.16 -12.04 -0.50
N ASP A 213 -6.56 -10.83 -0.10
CA ASP A 213 -7.80 -10.19 -0.57
C ASP A 213 -7.58 -9.44 -1.87
N TYR A 214 -6.33 -9.07 -2.11
CA TYR A 214 -5.92 -8.55 -3.39
C TYR A 214 -4.43 -8.74 -3.60
N ILE A 215 -4.02 -8.64 -4.87
CA ILE A 215 -2.63 -8.76 -5.26
C ILE A 215 -2.27 -7.45 -5.93
N ALA A 216 -1.16 -6.84 -5.50
CA ALA A 216 -0.64 -5.67 -6.18
C ALA A 216 0.59 -6.10 -6.97
N ILE A 217 0.60 -5.76 -8.26
CA ILE A 217 1.73 -6.08 -9.11
C ILE A 217 2.68 -4.89 -9.02
N ASN A 218 3.88 -5.14 -8.54
CA ASN A 218 4.84 -4.08 -8.45
C ASN A 218 5.78 -3.96 -9.63
N VAL A 219 5.37 -3.27 -10.68
CA VAL A 219 6.26 -2.96 -11.80
C VAL A 219 6.98 -1.62 -11.65
N SER A 220 6.62 -0.86 -10.63
CA SER A 220 7.12 0.49 -10.42
C SER A 220 8.30 0.80 -9.50
N SER A 221 8.90 -0.16 -8.85
CA SER A 221 9.98 0.22 -7.97
C SER A 221 11.25 0.63 -8.67
N PRO A 222 11.77 1.78 -8.29
CA PRO A 222 13.10 2.19 -8.62
C PRO A 222 13.82 1.36 -7.60
N ASN A 223 15.08 1.08 -7.74
CA ASN A 223 15.73 0.29 -6.71
C ASN A 223 15.93 -1.16 -7.07
N THR A 224 15.27 -1.61 -8.10
CA THR A 224 15.64 -2.83 -8.79
C THR A 224 15.79 -2.47 -10.26
N PRO A 225 16.88 -2.88 -10.85
CA PRO A 225 17.33 -2.34 -12.12
C PRO A 225 16.40 -2.56 -13.28
N GLY A 226 16.37 -1.51 -14.09
CA GLY A 226 15.35 -1.18 -15.04
C GLY A 226 15.48 0.29 -15.39
N LEU A 227 15.25 1.24 -14.49
CA LEU A 227 14.89 1.06 -13.09
C LEU A 227 13.55 0.36 -12.84
N ARG A 228 12.56 0.72 -13.64
CA ARG A 228 11.24 0.15 -13.51
C ARG A 228 11.26 -1.29 -13.97
N ASP A 229 10.64 -2.14 -13.19
CA ASP A 229 10.45 -3.50 -13.59
C ASP A 229 9.61 -3.16 -14.75
N ASN A 230 9.67 -3.93 -15.82
CA ASN A 230 9.06 -3.41 -17.04
C ASN A 230 7.63 -2.99 -16.97
N GLN A 231 7.43 -1.70 -17.22
CA GLN A 231 6.11 -1.10 -17.37
C GLN A 231 5.64 -0.94 -18.79
N GLU A 232 6.42 -1.37 -19.77
CA GLU A 232 6.10 -1.09 -21.14
C GLU A 232 4.80 -1.80 -21.45
N ALA A 233 3.97 -1.14 -22.23
CA ALA A 233 2.58 -1.50 -22.32
C ALA A 233 2.39 -2.89 -22.83
N GLY A 234 3.14 -3.29 -23.83
CA GLY A 234 2.99 -4.65 -24.26
C GLY A 234 3.38 -5.65 -23.20
N LYS A 235 4.46 -5.37 -22.50
CA LYS A 235 4.86 -6.24 -21.41
C LYS A 235 3.87 -6.28 -20.27
N LEU A 236 3.34 -5.12 -19.94
CA LEU A 236 2.41 -5.04 -18.85
C LEU A 236 1.18 -5.84 -19.14
N LYS A 237 0.73 -5.76 -20.37
CA LYS A 237 -0.48 -6.43 -20.75
C LYS A 237 -0.25 -7.88 -20.58
N ASN A 238 0.92 -8.35 -20.96
CA ASN A 238 1.16 -9.75 -20.77
C ASN A 238 1.18 -10.02 -19.31
N ILE A 239 1.81 -9.13 -18.58
CA ILE A 239 1.88 -9.37 -17.17
C ILE A 239 0.56 -9.39 -16.46
N ILE A 240 -0.33 -8.47 -16.78
CA ILE A 240 -1.62 -8.50 -16.14
C ILE A 240 -2.42 -9.73 -16.42
N LEU A 241 -2.38 -10.15 -17.68
CA LEU A 241 -3.12 -11.32 -18.10
C LEU A 241 -2.65 -12.58 -17.44
N SER A 242 -1.35 -12.69 -17.31
CA SER A 242 -0.79 -13.86 -16.69
C SER A 242 -1.21 -13.95 -15.27
N VAL A 243 -1.24 -12.83 -14.59
CA VAL A 243 -1.62 -12.85 -13.20
C VAL A 243 -3.06 -13.22 -12.95
N LYS A 244 -3.96 -12.70 -13.77
CA LYS A 244 -5.35 -13.01 -13.58
C LYS A 244 -5.55 -14.47 -13.78
N GLU A 245 -4.86 -15.01 -14.76
CA GLU A 245 -4.96 -16.42 -15.08
C GLU A 245 -4.51 -17.32 -13.98
N GLU A 246 -3.43 -16.96 -13.31
CA GLU A 246 -2.93 -17.80 -12.25
C GLU A 246 -3.93 -17.87 -11.15
N ILE A 247 -4.53 -16.74 -10.87
CA ILE A 247 -5.54 -16.66 -9.86
C ILE A 247 -6.75 -17.52 -10.20
N ASP A 248 -7.14 -17.48 -11.47
CA ASP A 248 -8.26 -18.23 -12.00
C ASP A 248 -7.97 -19.69 -11.86
N ASN A 249 -6.74 -20.02 -12.12
CA ASN A 249 -6.25 -21.37 -12.05
C ASN A 249 -6.37 -21.86 -10.64
N LEU A 250 -6.09 -21.03 -9.65
CA LEU A 250 -6.19 -21.57 -8.32
C LEU A 250 -7.61 -21.99 -8.07
N GLU A 251 -8.56 -21.22 -8.53
CA GLU A 251 -9.94 -21.58 -8.32
C GLU A 251 -10.30 -22.90 -8.99
N LYS A 252 -9.88 -23.09 -10.24
CA LYS A 252 -10.15 -24.33 -10.95
C LYS A 252 -9.53 -25.58 -10.37
N ASN A 253 -8.27 -25.49 -10.01
CA ASN A 253 -7.51 -26.62 -9.50
C ASN A 253 -8.01 -27.20 -8.22
N ASN A 254 -8.45 -26.36 -7.33
CA ASN A 254 -8.90 -26.79 -6.04
C ASN A 254 -10.30 -27.32 -6.01
N ILE A 255 -10.51 -28.40 -5.26
CA ILE A 255 -11.82 -29.00 -5.10
C ILE A 255 -12.70 -28.46 -3.98
N MET A 256 -12.16 -27.64 -3.12
CA MET A 256 -12.93 -27.12 -1.97
C MET A 256 -13.87 -26.00 -2.41
N ASN A 257 -14.98 -25.86 -1.70
CA ASN A 257 -15.81 -24.67 -1.81
C ASN A 257 -15.02 -23.40 -1.40
N ASP A 258 -15.49 -22.25 -1.81
CA ASP A 258 -14.82 -21.01 -1.60
C ASP A 258 -14.61 -20.67 -0.16
N GLU A 259 -15.56 -20.97 0.69
CA GLU A 259 -15.36 -20.68 2.08
C GLU A 259 -14.01 -21.27 2.43
N PHE A 260 -13.81 -22.53 2.13
CA PHE A 260 -12.54 -23.21 2.35
C PHE A 260 -11.28 -22.85 1.56
N LEU A 261 -11.42 -22.58 0.28
CA LEU A 261 -10.28 -22.23 -0.53
C LEU A 261 -9.64 -20.90 -0.21
N TRP A 262 -10.48 -19.91 -0.01
CA TRP A 262 -10.00 -18.59 0.22
C TRP A 262 -10.01 -18.33 1.70
N PHE A 263 -8.87 -18.55 2.31
CA PHE A 263 -8.65 -18.30 3.70
C PHE A 263 -8.23 -16.86 3.82
N ASN A 264 -9.14 -15.96 3.50
CA ASN A 264 -8.88 -14.55 3.48
C ASN A 264 -10.07 -13.82 4.08
N THR A 265 -10.20 -12.54 3.84
CA THR A 265 -11.31 -11.79 4.46
C THR A 265 -12.57 -11.88 3.61
N THR A 266 -12.40 -11.69 2.31
CA THR A 266 -13.50 -11.63 1.35
C THR A 266 -14.15 -12.99 1.10
N LYS A 267 -13.37 -14.06 1.29
CA LYS A 267 -13.80 -15.42 0.99
C LYS A 267 -13.99 -15.63 -0.53
N LYS A 268 -13.43 -14.71 -1.31
CA LYS A 268 -13.44 -14.76 -2.77
C LYS A 268 -12.00 -14.69 -3.25
N LYS A 269 -11.80 -14.77 -4.58
CA LYS A 269 -10.46 -14.66 -5.15
C LYS A 269 -9.93 -13.23 -5.03
N PRO A 270 -8.60 -13.06 -4.84
CA PRO A 270 -8.02 -11.72 -4.74
C PRO A 270 -8.23 -10.87 -5.99
N LEU A 271 -8.61 -9.61 -5.80
CA LEU A 271 -8.60 -8.63 -6.89
C LEU A 271 -7.15 -8.43 -7.34
N VAL A 272 -6.97 -7.83 -8.52
CA VAL A 272 -5.65 -7.61 -9.08
C VAL A 272 -5.48 -6.12 -9.28
N PHE A 273 -4.50 -5.54 -8.59
CA PHE A 273 -4.14 -4.14 -8.81
C PHE A 273 -2.76 -4.08 -9.42
N VAL A 274 -2.42 -2.93 -9.99
CA VAL A 274 -1.08 -2.65 -10.47
C VAL A 274 -0.60 -1.35 -9.84
N LYS A 275 0.62 -1.37 -9.34
CA LYS A 275 1.23 -0.14 -8.81
C LYS A 275 2.13 0.53 -9.83
N LEU A 276 1.84 1.79 -10.14
CA LEU A 276 2.57 2.57 -11.15
C LEU A 276 3.48 3.66 -10.57
N ALA A 277 4.59 3.92 -11.27
CA ALA A 277 5.56 4.95 -10.91
C ALA A 277 5.14 6.29 -11.52
N PRO A 278 5.41 7.40 -10.82
CA PRO A 278 4.97 8.68 -11.36
C PRO A 278 5.88 9.24 -12.46
N ASP A 279 7.04 8.62 -12.67
CA ASP A 279 8.03 9.14 -13.60
C ASP A 279 7.81 8.56 -15.00
N LEU A 280 6.72 8.98 -15.62
CA LEU A 280 6.34 8.58 -16.98
C LEU A 280 5.85 9.82 -17.71
N ASN A 281 5.87 9.78 -19.04
CA ASN A 281 5.31 10.88 -19.84
C ASN A 281 3.85 10.61 -20.26
N GLN A 282 3.18 11.66 -20.74
CA GLN A 282 1.74 11.59 -21.03
C GLN A 282 1.39 10.44 -21.97
N GLU A 283 2.28 10.18 -22.92
CA GLU A 283 2.08 9.10 -23.89
C GLU A 283 2.15 7.74 -23.21
N GLN A 284 3.18 7.54 -22.40
CA GLN A 284 3.33 6.30 -21.64
C GLN A 284 2.10 6.06 -20.78
N LYS A 285 1.63 7.12 -20.12
CA LYS A 285 0.43 7.06 -19.29
C LYS A 285 -0.81 6.70 -20.10
N LYS A 286 -0.95 7.32 -21.28
CA LYS A 286 -2.05 7.02 -22.20
C LYS A 286 -2.01 5.55 -22.64
N GLU A 287 -0.81 5.07 -22.96
CA GLU A 287 -0.61 3.68 -23.38
C GLU A 287 -0.92 2.68 -22.27
N ILE A 288 -0.55 3.02 -21.03
CA ILE A 288 -0.84 2.17 -19.87
C ILE A 288 -2.35 2.15 -19.59
N ALA A 289 -2.97 3.34 -19.62
CA ALA A 289 -4.42 3.48 -19.43
C ALA A 289 -5.26 2.56 -20.34
N ASP A 290 -4.88 2.46 -21.62
CA ASP A 290 -5.54 1.58 -22.58
C ASP A 290 -5.42 0.12 -22.17
N VAL A 291 -4.19 -0.28 -21.83
CA VAL A 291 -3.90 -1.65 -21.37
C VAL A 291 -4.76 -2.06 -20.15
N LEU A 292 -4.88 -1.15 -19.17
CA LEU A 292 -5.70 -1.41 -17.98
C LEU A 292 -7.16 -1.67 -18.37
N LEU A 293 -7.68 -0.85 -19.28
CA LEU A 293 -9.02 -1.05 -19.82
C LEU A 293 -9.13 -2.38 -20.56
N GLU A 294 -8.16 -2.66 -21.41
CA GLU A 294 -8.13 -3.90 -22.22
C GLU A 294 -8.06 -5.17 -21.37
N THR A 295 -7.34 -5.11 -20.26
CA THR A 295 -7.11 -6.27 -19.39
C THR A 295 -8.17 -6.42 -18.30
N ASN A 296 -8.96 -5.37 -18.11
CA ASN A 296 -10.03 -5.36 -17.11
C ASN A 296 -9.49 -5.44 -15.68
N ILE A 297 -8.45 -4.65 -15.40
CA ILE A 297 -7.77 -4.69 -14.11
C ILE A 297 -8.68 -4.12 -13.02
N ASP A 298 -8.61 -4.70 -11.83
CA ASP A 298 -9.52 -4.32 -10.75
C ASP A 298 -9.23 -2.96 -10.11
N GLY A 299 -8.01 -2.46 -10.29
CA GLY A 299 -7.62 -1.17 -9.74
C GLY A 299 -6.16 -0.79 -9.99
N MET A 300 -5.87 0.50 -9.80
CA MET A 300 -4.50 0.97 -9.91
C MET A 300 -4.07 1.74 -8.67
N ILE A 301 -2.85 1.47 -8.21
CA ILE A 301 -2.29 2.19 -7.08
C ILE A 301 -1.42 3.31 -7.59
N ILE A 302 -1.86 4.54 -7.34
CA ILE A 302 -1.18 5.72 -7.83
C ILE A 302 -0.74 6.57 -6.64
N SER A 303 0.57 6.62 -6.34
CA SER A 303 1.65 6.03 -7.15
C SER A 303 2.79 5.58 -6.23
N ASN A 304 3.85 5.08 -6.82
CA ASN A 304 5.06 4.70 -6.10
C ASN A 304 5.95 5.92 -5.90
N THR A 305 7.16 5.70 -5.41
CA THR A 305 8.11 6.79 -5.17
C THR A 305 8.70 7.42 -6.42
N THR A 306 9.15 8.65 -6.28
CA THR A 306 9.69 9.38 -7.44
C THR A 306 11.21 9.61 -7.41
N THR A 307 11.81 9.65 -8.59
CA THR A 307 13.23 9.94 -8.76
C THR A 307 13.45 11.34 -9.36
N GLN A 308 12.37 12.12 -9.42
CA GLN A 308 12.39 13.42 -10.07
C GLN A 308 12.50 14.59 -9.09
N ILE A 309 12.83 14.30 -7.83
CA ILE A 309 12.95 15.35 -6.82
C ILE A 309 14.40 15.71 -6.53
N ASN A 310 14.70 17.01 -6.56
CA ASN A 310 16.08 17.52 -6.48
C ASN A 310 16.35 18.52 -5.36
N ASP A 311 15.34 19.26 -4.97
CA ASP A 311 15.55 20.35 -4.08
C ASP A 311 15.56 19.98 -2.62
N ILE A 312 15.89 18.74 -2.32
CA ILE A 312 16.07 18.30 -0.92
C ILE A 312 17.55 18.16 -0.59
N LYS A 313 18.06 19.14 0.16
CA LYS A 313 19.49 19.31 0.41
C LYS A 313 20.12 18.06 1.01
N SER A 314 19.53 17.57 2.11
CA SER A 314 20.05 16.39 2.79
C SER A 314 20.09 15.13 1.90
N PHE A 315 19.33 15.15 0.80
CA PHE A 315 19.22 14.00 -0.10
C PHE A 315 20.09 14.06 -1.35
N GLU A 316 20.88 15.13 -1.51
CA GLU A 316 21.63 15.34 -2.77
C GLU A 316 22.66 14.25 -3.11
N ASN A 317 23.29 13.69 -2.09
CA ASN A 317 24.23 12.57 -2.28
C ASN A 317 23.57 11.19 -2.38
N LYS A 318 22.24 11.17 -2.40
CA LYS A 318 21.46 9.94 -2.16
C LYS A 318 20.79 9.30 -3.38
N LYS A 319 20.73 7.97 -3.34
CA LYS A 319 20.12 7.15 -4.38
C LYS A 319 18.77 6.58 -3.88
N GLY A 320 17.83 6.42 -4.81
CA GLY A 320 16.53 5.83 -4.50
C GLY A 320 15.34 6.67 -4.88
N GLY A 321 14.16 6.30 -4.39
CA GLY A 321 12.92 7.03 -4.66
C GLY A 321 12.46 7.83 -3.46
N VAL A 322 11.88 8.99 -3.71
CA VAL A 322 11.48 9.92 -2.65
C VAL A 322 9.98 9.78 -2.31
N SER A 323 9.67 9.74 -1.01
CA SER A 323 8.30 9.70 -0.50
C SER A 323 8.01 10.96 0.31
N GLY A 324 6.75 11.12 0.71
CA GLY A 324 6.37 12.15 1.66
C GLY A 324 5.77 13.38 1.03
N ALA A 325 5.85 14.51 1.74
CA ALA A 325 5.19 15.75 1.32
C ALA A 325 5.59 16.22 -0.08
N LYS A 326 6.85 16.02 -0.44
CA LYS A 326 7.36 16.42 -1.76
C LYS A 326 6.76 15.60 -2.91
N LEU A 327 6.26 14.41 -2.59
CA LEU A 327 5.63 13.55 -3.60
C LEU A 327 4.15 13.89 -3.81
N LYS A 328 3.56 14.61 -2.85
CA LYS A 328 2.11 14.79 -2.79
C LYS A 328 1.46 15.31 -4.09
N ASP A 329 1.82 16.54 -4.49
CA ASP A 329 1.23 17.16 -5.70
C ASP A 329 1.50 16.35 -6.97
N ILE A 330 2.69 15.78 -7.08
CA ILE A 330 3.06 14.92 -8.21
C ILE A 330 2.12 13.72 -8.34
N SER A 331 1.83 13.06 -7.22
CA SER A 331 0.97 11.89 -7.24
C SER A 331 -0.49 12.27 -7.42
N THR A 332 -0.91 13.39 -6.84
CA THR A 332 -2.29 13.87 -6.99
C THR A 332 -2.58 14.17 -8.47
N LYS A 333 -1.67 14.90 -9.12
CA LYS A 333 -1.77 15.19 -10.54
C LYS A 333 -1.82 13.90 -11.38
N PHE A 334 -1.01 12.92 -10.99
CA PHE A 334 -0.98 11.61 -11.65
C PHE A 334 -2.33 10.90 -11.53
N ILE A 335 -2.97 11.00 -10.35
CA ILE A 335 -4.30 10.42 -10.12
C ILE A 335 -5.32 11.00 -11.09
N CYS A 336 -5.32 12.34 -11.19
CA CYS A 336 -6.21 13.09 -12.08
C CYS A 336 -6.14 12.60 -13.53
N GLU A 337 -4.92 12.53 -14.05
CA GLU A 337 -4.66 12.08 -15.42
C GLU A 337 -5.19 10.67 -15.69
N MET A 338 -4.83 9.70 -14.83
CA MET A 338 -5.22 8.31 -15.05
C MET A 338 -6.72 8.07 -14.88
N TYR A 339 -7.36 8.87 -14.04
CA TYR A 339 -8.81 8.86 -13.89
C TYR A 339 -9.44 9.26 -15.21
N ASN A 340 -8.93 10.35 -15.79
CA ASN A 340 -9.36 10.84 -17.11
C ASN A 340 -9.07 9.85 -18.24
N TYR A 341 -7.83 9.40 -18.33
CA TYR A 341 -7.40 8.50 -19.40
C TYR A 341 -8.11 7.15 -19.41
N THR A 342 -8.56 6.70 -18.24
CA THR A 342 -9.25 5.41 -18.12
C THR A 342 -10.76 5.59 -18.12
N ASN A 343 -11.20 6.83 -18.34
CA ASN A 343 -12.62 7.18 -18.47
C ASN A 343 -13.42 6.85 -17.21
N LYS A 344 -12.77 7.07 -16.05
CA LYS A 344 -13.35 6.87 -14.73
C LYS A 344 -13.77 5.42 -14.44
N GLN A 345 -13.28 4.49 -15.25
CA GLN A 345 -13.68 3.08 -15.17
C GLN A 345 -12.87 2.24 -14.19
N ILE A 346 -11.64 2.69 -13.90
CA ILE A 346 -10.71 1.94 -13.05
C ILE A 346 -10.57 2.57 -11.66
N PRO A 347 -10.88 1.80 -10.60
CA PRO A 347 -10.77 2.32 -9.23
C PRO A 347 -9.31 2.60 -8.85
N ILE A 348 -9.08 3.74 -8.20
CA ILE A 348 -7.74 4.17 -7.84
C ILE A 348 -7.48 4.07 -6.33
N ILE A 349 -6.31 3.52 -5.99
CA ILE A 349 -5.78 3.55 -4.63
C ILE A 349 -4.71 4.62 -4.59
N ALA A 350 -4.88 5.63 -3.75
CA ALA A 350 -3.94 6.77 -3.67
C ALA A 350 -2.73 6.56 -2.72
N SER A 351 -1.58 7.10 -3.15
CA SER A 351 -0.29 7.05 -2.42
C SER A 351 0.62 8.01 -3.18
N GLY A 352 1.27 9.01 -2.58
CA GLY A 352 1.25 9.33 -1.19
C GLY A 352 1.52 10.82 -0.99
N GLY A 353 2.28 11.14 0.05
CA GLY A 353 2.30 12.49 0.58
C GLY A 353 1.01 12.82 1.33
N ILE A 354 0.32 11.80 1.84
CA ILE A 354 -0.95 12.00 2.57
C ILE A 354 -0.71 12.04 4.08
N PHE A 355 -0.96 13.21 4.68
CA PHE A 355 -0.74 13.41 6.11
C PHE A 355 -2.01 13.87 6.81
N SER A 356 -2.81 14.68 6.13
CA SER A 356 -3.97 15.31 6.74
C SER A 356 -5.27 14.83 6.09
N GLY A 357 -6.39 15.11 6.77
CA GLY A 357 -7.71 14.87 6.20
C GLY A 357 -7.88 15.60 4.88
N LEU A 358 -7.35 16.82 4.81
CA LEU A 358 -7.39 17.60 3.57
C LEU A 358 -6.61 16.94 2.44
N ASP A 359 -5.40 16.46 2.75
CA ASP A 359 -4.61 15.67 1.81
C ASP A 359 -5.44 14.50 1.28
N ALA A 360 -6.13 13.81 2.18
CA ALA A 360 -6.94 12.66 1.81
C ALA A 360 -8.07 13.05 0.86
N LEU A 361 -8.79 14.13 1.19
CA LEU A 361 -9.91 14.63 0.36
C LEU A 361 -9.46 15.08 -1.02
N GLU A 362 -8.30 15.73 -1.09
CA GLU A 362 -7.70 16.08 -2.37
C GLU A 362 -7.50 14.83 -3.23
N LYS A 363 -6.92 13.79 -2.65
CA LYS A 363 -6.74 12.52 -3.37
C LYS A 363 -8.08 11.96 -3.83
N ILE A 364 -9.08 12.05 -2.96
CA ILE A 364 -10.41 11.50 -3.23
C ILE A 364 -11.13 12.27 -4.35
N GLU A 365 -11.10 13.60 -4.25
CA GLU A 365 -11.71 14.44 -5.28
C GLU A 365 -11.00 14.36 -6.63
N ALA A 366 -9.74 13.94 -6.63
CA ALA A 366 -9.02 13.67 -7.88
C ALA A 366 -9.40 12.32 -8.48
N GLY A 367 -10.04 11.45 -7.70
CA GLY A 367 -10.52 10.17 -8.23
C GLY A 367 -10.17 8.89 -7.49
N ALA A 368 -9.59 9.02 -6.29
CA ALA A 368 -9.21 7.86 -5.49
C ALA A 368 -10.36 7.39 -4.59
N SER A 369 -10.52 6.07 -4.48
CA SER A 369 -11.56 5.49 -3.62
C SER A 369 -11.04 5.26 -2.21
N VAL A 370 -9.73 5.02 -2.11
CA VAL A 370 -9.11 4.66 -0.84
C VAL A 370 -7.71 5.28 -0.79
N CYS A 371 -7.13 5.41 0.40
CA CYS A 371 -5.85 6.07 0.60
C CYS A 371 -4.87 5.17 1.34
N GLN A 372 -3.59 5.22 0.97
CA GLN A 372 -2.55 4.49 1.70
C GLN A 372 -1.56 5.46 2.35
N LEU A 373 -1.18 5.19 3.59
CA LEU A 373 -0.21 6.00 4.31
C LEU A 373 1.12 5.26 4.49
N TYR A 374 2.23 5.99 4.42
CA TYR A 374 3.53 5.45 4.77
C TYR A 374 4.34 6.45 5.59
N SER A 375 4.69 7.55 4.95
CA SER A 375 5.50 8.60 5.55
C SER A 375 4.82 9.22 6.74
N CYS A 376 3.52 9.39 6.65
CA CYS A 376 2.73 9.89 7.77
C CYS A 376 2.97 9.12 9.07
N LEU A 377 3.12 7.81 9.00
CA LEU A 377 3.41 7.03 10.22
C LEU A 377 4.79 7.30 10.78
N VAL A 378 5.73 7.61 9.89
CA VAL A 378 7.12 7.89 10.27
C VAL A 378 7.21 9.23 11.03
N PHE A 379 6.54 10.25 10.50
CA PHE A 379 6.60 11.60 11.07
C PHE A 379 5.54 11.93 12.10
N ASN A 380 4.33 11.38 11.95
CA ASN A 380 3.21 11.65 12.86
C ASN A 380 2.92 10.58 13.89
N GLY A 381 3.44 9.37 13.69
CA GLY A 381 3.38 8.32 14.71
C GLY A 381 2.07 7.54 14.86
N MET A 382 1.83 7.06 16.07
CA MET A 382 0.76 6.10 16.39
C MET A 382 -0.66 6.62 16.15
N LYS A 383 -0.80 7.93 16.11
CA LYS A 383 -2.09 8.59 16.03
C LYS A 383 -2.50 8.85 14.58
N SER A 384 -1.66 8.45 13.64
CA SER A 384 -1.88 8.77 12.23
C SER A 384 -3.30 8.43 11.74
N ALA A 385 -3.75 7.20 12.00
CA ALA A 385 -5.06 6.75 11.48
C ALA A 385 -6.21 7.39 12.24
N VAL A 386 -6.11 7.43 13.57
CA VAL A 386 -7.14 8.09 14.39
C VAL A 386 -7.34 9.55 13.96
N GLN A 387 -6.25 10.29 13.85
CA GLN A 387 -6.32 11.70 13.52
C GLN A 387 -6.82 11.94 12.11
N ILE A 388 -6.26 11.22 11.13
CA ILE A 388 -6.63 11.47 9.75
C ILE A 388 -8.10 11.13 9.46
N LYS A 389 -8.65 10.12 10.17
CA LYS A 389 -10.05 9.72 10.01
C LYS A 389 -10.97 10.79 10.54
N ARG A 390 -10.68 11.29 11.75
CA ARG A 390 -11.41 12.43 12.33
C ARG A 390 -11.36 13.65 11.42
N GLU A 391 -10.16 14.05 11.02
CA GLU A 391 -9.99 15.17 10.10
C GLU A 391 -10.83 15.05 8.83
N LEU A 392 -10.85 13.86 8.22
CA LEU A 392 -11.61 13.67 6.99
C LEU A 392 -13.13 13.69 7.22
N ASN A 393 -13.59 13.04 8.28
CA ASN A 393 -15.01 13.08 8.66
C ASN A 393 -15.54 14.52 8.81
N HIS A 394 -14.78 15.33 9.53
CA HIS A 394 -15.11 16.73 9.78
C HIS A 394 -15.12 17.52 8.49
N LEU A 395 -14.13 17.24 7.65
CA LEU A 395 -13.99 17.88 6.35
C LEU A 395 -15.07 17.46 5.34
N LEU A 396 -15.48 16.19 5.37
CA LEU A 396 -16.54 15.69 4.51
C LEU A 396 -17.87 16.36 4.86
N TYR A 397 -18.06 16.60 6.16
CA TYR A 397 -19.25 17.25 6.69
C TYR A 397 -19.29 18.73 6.27
N GLN A 398 -18.21 19.45 6.55
CA GLN A 398 -18.10 20.88 6.26
C GLN A 398 -17.96 21.20 4.76
N ARG A 399 -18.21 20.22 3.90
CA ARG A 399 -18.18 20.43 2.45
C ARG A 399 -19.46 19.92 1.79
N GLY A 400 -20.45 19.61 2.62
CA GLY A 400 -21.77 19.22 2.12
C GLY A 400 -21.94 17.79 1.67
N TYR A 401 -20.84 17.04 1.57
CA TYR A 401 -20.89 15.63 1.16
C TYR A 401 -21.65 14.77 2.17
N TYR A 402 -22.60 13.98 1.68
CA TYR A 402 -23.39 13.08 2.52
C TYR A 402 -22.56 11.86 2.95
N ASN A 403 -21.71 11.38 2.04
CA ASN A 403 -20.77 10.31 2.34
C ASN A 403 -19.49 10.45 1.50
N LEU A 404 -18.51 9.59 1.75
CA LEU A 404 -17.22 9.65 1.05
C LEU A 404 -17.35 9.38 -0.44
N LYS A 405 -18.17 8.38 -0.77
CA LYS A 405 -18.35 7.95 -2.16
C LYS A 405 -18.85 9.08 -3.06
N GLU A 406 -19.59 10.02 -2.47
CA GLU A 406 -20.06 11.21 -3.17
C GLU A 406 -18.91 12.11 -3.65
N ALA A 407 -17.79 12.08 -2.92
CA ALA A 407 -16.65 12.96 -3.20
C ALA A 407 -15.66 12.43 -4.25
N ILE A 408 -15.73 11.13 -4.55
CA ILE A 408 -14.81 10.50 -5.48
C ILE A 408 -14.91 11.10 -6.89
N GLY A 409 -13.80 11.68 -7.36
CA GLY A 409 -13.70 12.24 -8.70
C GLY A 409 -14.38 13.56 -8.94
N ARG A 410 -14.92 14.16 -7.88
CA ARG A 410 -15.76 15.35 -7.97
C ARG A 410 -15.03 16.63 -8.42
N LYS A 411 -13.71 16.68 -8.23
CA LYS A 411 -12.88 17.81 -8.66
C LYS A 411 -12.90 18.03 -10.19
N HIS A 412 -13.15 16.95 -10.93
CA HIS A 412 -13.30 17.01 -12.39
C HIS A 412 -14.63 17.65 -12.82
C1 J4Z B . 7.03 4.34 12.27
N1 J4Z B . 9.02 3.51 11.15
C2 J4Z B . 7.86 3.30 11.82
N2 J4Z B . 10.80 4.82 10.35
C3 J4Z B . 7.48 1.97 12.03
N3 J4Z B . 10.90 4.19 9.12
C4 J4Z B . 6.30 1.65 12.68
N4 J4Z B . 12.39 5.83 9.34
C5 J4Z B . 5.94 0.31 12.89
N5 J4Z B . 11.81 6.55 11.61
C6 J4Z B . 4.74 0.02 13.55
C7 J4Z B . 3.87 1.12 14.05
C8 J4Z B . 4.23 2.46 13.85
C9 J4Z B . 5.43 2.76 13.18
C10 J4Z B . 5.84 4.08 12.95
C11 J4Z B . 9.92 4.52 11.32
C12 J4Z B . 9.99 5.28 12.51
C13 J4Z B . 10.95 6.31 12.63
C14 J4Z B . 11.02 7.12 13.91
C15 J4Z B . 11.70 5.78 10.50
C16 J4Z B . 11.91 4.85 8.51
C22 J4Z B . 4.35 -1.30 13.77
C23 J4Z B . 3.16 -1.58 14.43
C24 J4Z B . 2.33 -0.56 14.89
C25 J4Z B . 2.68 0.78 14.70
N1 FMN C . 6.20 0.40 -2.41
C2 FMN C . 5.96 -0.84 -2.93
O2 FMN C . 5.07 -0.95 -3.81
N3 FMN C . 6.69 -1.91 -2.48
C4 FMN C . 7.67 -1.79 -1.51
O4 FMN C . 8.20 -2.82 -1.03
C4A FMN C . 7.93 -0.52 -0.97
N5 FMN C . 8.89 -0.33 0.00
C5A FMN C . 9.12 0.93 0.53
C6 FMN C . 10.10 1.13 1.52
C7 FMN C . 10.31 2.41 2.06
C7M FMN C . 11.38 2.61 3.11
C8 FMN C . 9.56 3.50 1.60
C8M FMN C . 9.56 4.81 2.34
C9 FMN C . 8.60 3.29 0.62
C9A FMN C . 8.36 2.02 0.07
N10 FMN C . 7.40 1.83 -0.91
C10 FMN C . 7.18 0.57 -1.43
C1' FMN C . 6.62 2.99 -1.50
C2' FMN C . 5.41 3.23 -0.59
O2' FMN C . 4.62 2.07 -0.59
C3' FMN C . 4.55 4.44 -0.97
O3' FMN C . 3.97 4.17 -2.22
C4' FMN C . 5.37 5.75 -1.00
O4' FMN C . 6.10 5.90 0.20
C5' FMN C . 4.49 6.97 -1.18
O5' FMN C . 3.70 7.14 -0.03
P FMN C . 4.04 8.23 1.11
O1P FMN C . 5.22 7.71 1.87
O2P FMN C . 2.87 8.35 2.07
O3P FMN C . 4.34 9.54 0.45
N1 ORO D . 11.29 1.18 -2.76
C2 ORO D . 10.32 1.95 -3.25
O2 ORO D . 10.38 3.19 -3.05
N3 ORO D . 9.29 1.43 -3.94
C4 ORO D . 9.22 0.10 -4.17
O4 ORO D . 8.26 -0.40 -4.81
C5 ORO D . 10.22 -0.74 -3.68
C6 ORO D . 11.26 -0.16 -2.96
C7 ORO D . 12.39 -1.00 -2.45
O71 ORO D . 12.19 -2.14 -2.00
O72 ORO D . 13.53 -0.52 -2.56
#